data_5XUP
#
_entry.id   5XUP
#
_cell.length_a   161.579
_cell.length_b   161.579
_cell.length_c   45.925
_cell.angle_alpha   90.000
_cell.angle_beta   90.000
_cell.angle_gamma   120.000
#
_symmetry.space_group_name_H-M   'P 64'
#
loop_
_entity.id
_entity.type
_entity.pdbx_description
1 polymer 'Telomeric repeat-binding factor 1'
2 polymer 'Telomere repeats-binding bouquet formation protein 1'
3 water water
#
loop_
_entity_poly.entity_id
_entity_poly.type
_entity_poly.pdbx_seq_one_letter_code
_entity_poly.pdbx_strand_id
1 'polypeptide(L)'
;GLVAEAEAVAAGWMLDFLCLSLCRAFRDGRSEDFRRTRNSAEAIIHGLSSLTACQLRTIYICQFLTRIAAGKTLDAQFEN
DERITPLESALMIWGSIEKEHDKLHEEIQNLIKIQAIAVCMENGNFKEAEEVFERIFGDPNSHMPFKSKLLMIISQKDTF
HSFFQHFSYNHMMEKIKSYVNYVLSEKSSTFLMKAAAKVVES
;
A,B
2 'polypeptide(L)' KILLTPRRRQRL C,D
#
# COMPACT_ATOMS: atom_id res chain seq x y z
N GLY A 1 -11.15 -14.22 -17.01
CA GLY A 1 -11.47 -15.67 -16.88
C GLY A 1 -11.29 -16.17 -15.45
N LEU A 2 -10.87 -17.42 -15.31
CA LEU A 2 -10.63 -18.05 -14.01
C LEU A 2 -9.43 -17.41 -13.30
N VAL A 3 -8.59 -16.73 -14.07
CA VAL A 3 -7.43 -16.02 -13.55
C VAL A 3 -7.86 -14.87 -12.65
N ALA A 4 -8.79 -14.04 -13.16
CA ALA A 4 -9.30 -12.88 -12.44
C ALA A 4 -10.12 -13.29 -11.22
N GLU A 5 -10.82 -14.40 -11.36
CA GLU A 5 -11.58 -15.01 -10.27
C GLU A 5 -10.66 -15.35 -9.10
N ALA A 6 -9.56 -16.03 -9.40
CA ALA A 6 -8.58 -16.44 -8.41
C ALA A 6 -7.85 -15.25 -7.78
N GLU A 7 -7.60 -14.21 -8.56
CA GLU A 7 -6.95 -13.02 -8.02
C GLU A 7 -7.86 -12.31 -7.02
N ALA A 8 -9.16 -12.29 -7.30
CA ALA A 8 -10.14 -11.75 -6.36
C ALA A 8 -10.20 -12.55 -5.06
N VAL A 9 -10.14 -13.87 -5.17
CA VAL A 9 -10.13 -14.75 -4.00
C VAL A 9 -8.89 -14.47 -3.14
N ALA A 10 -7.73 -14.37 -3.80
CA ALA A 10 -6.49 -14.08 -3.13
C ALA A 10 -6.51 -12.71 -2.44
N ALA A 11 -7.08 -11.72 -3.11
CA ALA A 11 -7.18 -10.37 -2.58
C ALA A 11 -8.05 -10.33 -1.32
N GLY A 12 -9.13 -11.11 -1.33
CA GLY A 12 -10.00 -11.26 -0.16
C GLY A 12 -9.23 -11.82 1.02
N TRP A 13 -8.40 -12.82 0.74
CA TRP A 13 -7.59 -13.44 1.78
C TRP A 13 -6.57 -12.48 2.34
N MET A 14 -5.96 -11.69 1.46
CA MET A 14 -4.93 -10.73 1.86
C MET A 14 -5.55 -9.63 2.73
N LEU A 15 -6.70 -9.11 2.31
CA LEU A 15 -7.38 -8.07 3.08
C LEU A 15 -7.72 -8.55 4.49
N ASP A 16 -8.28 -9.74 4.60
CA ASP A 16 -8.64 -10.32 5.89
C ASP A 16 -7.43 -10.48 6.81
N PHE A 17 -6.36 -11.04 6.25
CA PHE A 17 -5.11 -11.21 6.98
C PHE A 17 -4.50 -9.88 7.43
N LEU A 18 -4.54 -8.87 6.56
CA LEU A 18 -3.98 -7.59 6.93
C LEU A 18 -4.81 -6.86 8.00
N CYS A 19 -6.14 -7.03 7.95
CA CYS A 19 -7.02 -6.51 9.00
C CYS A 19 -6.67 -7.14 10.34
N LEU A 20 -6.58 -8.48 10.35
CA LEU A 20 -6.20 -9.23 11.55
C LEU A 20 -4.90 -8.68 12.13
N SER A 21 -3.92 -8.47 11.25
CA SER A 21 -2.59 -8.01 11.65
C SER A 21 -2.65 -6.58 12.22
N LEU A 22 -3.42 -5.72 11.56
CA LEU A 22 -3.64 -4.35 12.00
C LEU A 22 -4.33 -4.32 13.36
N CYS A 23 -5.35 -5.17 13.52
CA CYS A 23 -6.04 -5.33 14.80
C CYS A 23 -5.12 -5.72 15.95
N ARG A 24 -4.20 -6.66 15.69
CA ARG A 24 -3.25 -7.13 16.71
C ARG A 24 -2.28 -6.05 17.09
N ALA A 25 -1.73 -5.35 16.09
CA ALA A 25 -0.80 -4.26 16.34
C ALA A 25 -1.46 -3.12 17.12
N PHE A 26 -2.74 -2.87 16.82
CA PHE A 26 -3.54 -1.87 17.55
C PHE A 26 -3.67 -2.29 19.02
N ARG A 27 -4.13 -3.51 19.24
CA ARG A 27 -4.31 -4.03 20.59
C ARG A 27 -2.99 -4.06 21.37
N ASP A 28 -1.93 -4.53 20.72
CA ASP A 28 -0.59 -4.64 21.35
C ASP A 28 0.09 -3.29 21.59
N GLY A 29 -0.39 -2.23 20.94
CA GLY A 29 0.28 -0.94 20.99
C GLY A 29 1.58 -0.93 20.20
N ARG A 30 1.66 -1.76 19.16
CA ARG A 30 2.85 -1.83 18.31
C ARG A 30 2.76 -0.83 17.16
N SER A 31 3.18 0.40 17.45
CA SER A 31 2.96 1.56 16.58
C SER A 31 3.60 1.45 15.21
N GLU A 32 4.85 1.00 15.15
CA GLU A 32 5.54 0.92 13.87
C GLU A 32 4.95 -0.19 13.00
N ASP A 33 4.70 -1.35 13.61
CA ASP A 33 4.01 -2.45 12.94
C ASP A 33 2.67 -1.98 12.38
N PHE A 34 1.93 -1.25 13.21
CA PHE A 34 0.61 -0.74 12.83
C PHE A 34 0.67 0.14 11.57
N ARG A 35 1.62 1.08 11.54
CA ARG A 35 1.81 1.96 10.40
C ARG A 35 2.16 1.19 9.13
N ARG A 36 3.02 0.19 9.24
CA ARG A 36 3.42 -0.63 8.10
C ARG A 36 2.27 -1.48 7.57
N THR A 37 1.55 -2.13 8.49
CA THR A 37 0.36 -2.89 8.12
C THR A 37 -0.72 -1.97 7.51
N ARG A 38 -0.89 -0.77 8.09
CA ARG A 38 -1.80 0.22 7.52
C ARG A 38 -1.49 0.49 6.05
N ASN A 39 -0.22 0.76 5.76
CA ASN A 39 0.24 1.00 4.39
C ASN A 39 -0.09 -0.14 3.46
N SER A 40 0.16 -1.38 3.92
CA SER A 40 -0.13 -2.56 3.12
C SER A 40 -1.63 -2.69 2.88
N ALA A 41 -2.41 -2.52 3.94
CA ALA A 41 -3.87 -2.65 3.87
C ALA A 41 -4.44 -1.60 2.93
N GLU A 42 -3.97 -0.36 3.06
CA GLU A 42 -4.42 0.73 2.18
C GLU A 42 -4.18 0.41 0.70
N ALA A 43 -2.99 -0.06 0.36
CA ALA A 43 -2.68 -0.43 -1.02
C ALA A 43 -3.52 -1.62 -1.49
N ILE A 44 -3.65 -2.64 -0.65
CA ILE A 44 -4.48 -3.78 -1.01
C ILE A 44 -5.94 -3.34 -1.25
N ILE A 45 -6.45 -2.47 -0.37
CA ILE A 45 -7.81 -1.95 -0.55
C ILE A 45 -7.95 -1.18 -1.87
N HIS A 46 -6.99 -0.29 -2.16
CA HIS A 46 -7.01 0.45 -3.41
C HIS A 46 -6.98 -0.46 -4.63
N GLY A 47 -6.39 -1.65 -4.49
CA GLY A 47 -6.26 -2.59 -5.60
C GLY A 47 -7.50 -3.43 -5.87
N LEU A 48 -8.50 -3.37 -4.98
CA LEU A 48 -9.72 -4.18 -5.11
C LEU A 48 -10.58 -3.71 -6.27
N SER A 49 -11.18 -4.66 -6.99
CA SER A 49 -12.05 -4.31 -8.10
C SER A 49 -13.50 -4.73 -7.83
N SER A 50 -13.75 -5.24 -6.62
CA SER A 50 -15.08 -5.64 -6.20
C SER A 50 -15.12 -5.76 -4.68
N LEU A 51 -16.33 -5.66 -4.10
CA LEU A 51 -16.52 -5.69 -2.65
C LEU A 51 -17.70 -6.55 -2.23
N THR A 52 -17.45 -7.54 -1.37
CA THR A 52 -18.55 -8.22 -0.70
C THR A 52 -18.90 -7.39 0.54
N ALA A 53 -20.02 -7.74 1.19
CA ALA A 53 -20.44 -7.08 2.44
C ALA A 53 -19.39 -7.23 3.53
N CYS A 54 -18.81 -8.43 3.66
CA CYS A 54 -17.75 -8.67 4.63
C CYS A 54 -16.49 -7.84 4.35
N GLN A 55 -16.13 -7.66 3.08
CA GLN A 55 -14.98 -6.84 2.71
C GLN A 55 -15.20 -5.37 3.06
N LEU A 56 -16.40 -4.86 2.77
CA LEU A 56 -16.75 -3.49 3.14
C LEU A 56 -16.63 -3.27 4.64
N ARG A 57 -17.16 -4.21 5.43
CA ARG A 57 -17.04 -4.16 6.89
C ARG A 57 -15.58 -4.13 7.32
N THR A 58 -14.76 -4.99 6.73
CA THR A 58 -13.33 -5.04 7.01
C THR A 58 -12.64 -3.71 6.73
N ILE A 59 -12.98 -3.08 5.61
CA ILE A 59 -12.45 -1.76 5.28
C ILE A 59 -12.84 -0.74 6.35
N TYR A 60 -14.11 -0.70 6.72
CA TYR A 60 -14.57 0.19 7.79
C TYR A 60 -13.79 -0.03 9.07
N ILE A 61 -13.61 -1.30 9.45
CA ILE A 61 -12.83 -1.62 10.65
C ILE A 61 -11.42 -1.03 10.57
N CYS A 62 -10.74 -1.21 9.43
CA CYS A 62 -9.41 -0.63 9.25
C CYS A 62 -9.44 0.90 9.34
N GLN A 63 -10.44 1.52 8.70
CA GLN A 63 -10.57 2.97 8.76
C GLN A 63 -10.80 3.46 10.18
N PHE A 64 -11.67 2.76 10.91
CA PHE A 64 -12.01 3.07 12.30
C PHE A 64 -10.75 3.12 13.17
N LEU A 65 -9.95 2.06 13.11
CA LEU A 65 -8.73 1.96 13.92
C LEU A 65 -7.69 3.03 13.60
N THR A 66 -7.51 3.37 12.32
CA THR A 66 -6.54 4.41 11.97
C THR A 66 -6.97 5.79 12.49
N ARG A 67 -8.27 6.08 12.46
CA ARG A 67 -8.75 7.35 13.01
C ARG A 67 -8.60 7.39 14.54
N ILE A 68 -8.92 6.26 15.18
CA ILE A 68 -8.80 6.15 16.63
C ILE A 68 -7.35 6.31 17.04
N ALA A 69 -6.44 5.61 16.34
CA ALA A 69 -4.99 5.73 16.59
C ALA A 69 -4.51 7.18 16.46
N ALA A 70 -5.17 7.96 15.62
CA ALA A 70 -4.77 9.35 15.38
C ALA A 70 -5.60 10.34 16.19
N GLY A 71 -6.31 9.85 17.20
CA GLY A 71 -7.28 10.68 17.93
C GLY A 71 -6.76 11.93 18.61
N LYS A 72 -5.53 11.85 19.13
CA LYS A 72 -4.91 13.00 19.78
C LYS A 72 -4.17 13.89 18.78
N THR A 73 -3.96 13.38 17.58
CA THR A 73 -3.28 14.12 16.50
C THR A 73 -4.27 15.06 15.80
N LEU A 74 -4.55 16.21 16.42
CA LEU A 74 -5.51 17.17 15.82
C LEU A 74 -5.07 17.75 14.45
N ASP A 75 -3.82 17.47 14.05
CA ASP A 75 -3.29 17.85 12.72
C ASP A 75 -3.43 16.76 11.62
N ALA A 76 -4.06 15.63 11.96
CA ALA A 76 -4.39 14.63 10.96
C ALA A 76 -5.75 14.98 10.36
N GLN A 77 -5.83 15.03 9.02
CA GLN A 77 -7.06 15.37 8.33
C GLN A 77 -7.62 14.13 7.62
N PHE A 78 -8.77 13.65 8.08
CA PHE A 78 -9.38 12.44 7.53
C PHE A 78 -10.55 12.72 6.60
N GLU A 79 -11.07 13.95 6.61
CA GLU A 79 -12.22 14.29 5.75
C GLU A 79 -11.85 15.43 4.82
N ASN A 80 -12.58 15.54 3.71
CA ASN A 80 -12.43 16.65 2.78
C ASN A 80 -12.64 17.96 3.51
N ASP A 81 -13.72 18.02 4.28
CA ASP A 81 -13.95 19.09 5.25
C ASP A 81 -12.87 19.04 6.33
N GLU A 82 -11.95 19.99 6.23
CA GLU A 82 -10.77 20.13 7.08
C GLU A 82 -11.07 20.30 8.57
N ARG A 83 -12.28 20.72 8.90
CA ARG A 83 -12.65 20.98 10.29
C ARG A 83 -12.95 19.69 11.07
N ILE A 84 -13.24 18.60 10.36
CA ILE A 84 -13.56 17.35 11.04
C ILE A 84 -12.32 16.76 11.72
N THR A 85 -12.38 16.60 13.04
CA THR A 85 -11.28 16.00 13.80
C THR A 85 -11.23 14.47 13.65
N PRO A 86 -10.09 13.83 13.98
CA PRO A 86 -9.95 12.38 13.80
C PRO A 86 -11.00 11.55 14.58
N LEU A 87 -11.32 11.97 15.80
CA LEU A 87 -12.34 11.23 16.57
C LEU A 87 -13.74 11.40 15.99
N GLU A 88 -14.03 12.59 15.44
CA GLU A 88 -15.27 12.77 14.67
C GLU A 88 -15.31 11.86 13.45
N SER A 89 -14.18 11.75 12.77
CA SER A 89 -14.07 10.85 11.64
C SER A 89 -14.28 9.39 12.08
N ALA A 90 -13.69 9.03 13.23
CA ALA A 90 -13.94 7.69 13.79
C ALA A 90 -15.44 7.45 14.03
N LEU A 91 -16.10 8.44 14.61
CA LEU A 91 -17.53 8.38 14.86
C LEU A 91 -18.32 8.12 13.57
N MET A 92 -17.96 8.82 12.49
CA MET A 92 -18.63 8.63 11.21
C MET A 92 -18.50 7.19 10.73
N ILE A 93 -17.32 6.61 10.85
CA ILE A 93 -17.11 5.20 10.50
C ILE A 93 -17.93 4.27 11.41
N TRP A 94 -17.85 4.51 12.71
CA TRP A 94 -18.56 3.70 13.71
C TRP A 94 -20.06 3.57 13.43
N GLY A 95 -20.67 4.67 12.97
CA GLY A 95 -22.07 4.67 12.55
C GLY A 95 -22.38 3.68 11.43
N SER A 96 -21.36 3.26 10.68
CA SER A 96 -21.57 2.36 9.54
C SER A 96 -21.34 0.87 9.81
N ILE A 97 -21.01 0.48 11.04
CA ILE A 97 -20.72 -0.94 11.25
C ILE A 97 -21.56 -1.76 12.24
N GLU A 98 -21.12 -1.81 13.49
CA GLU A 98 -21.46 -2.90 14.41
C GLU A 98 -22.75 -2.61 15.19
N LYS A 99 -23.74 -2.03 14.50
CA LYS A 99 -24.95 -1.54 15.17
C LYS A 99 -25.81 -2.62 15.81
N GLU A 100 -25.77 -3.84 15.26
CA GLU A 100 -26.53 -4.97 15.82
C GLU A 100 -26.10 -5.39 17.24
N HIS A 101 -24.89 -5.02 17.64
CA HIS A 101 -24.39 -5.27 19.01
C HIS A 101 -24.54 -4.01 19.85
N ASP A 102 -25.79 -3.70 20.18
CA ASP A 102 -26.18 -2.36 20.59
C ASP A 102 -25.51 -1.82 21.85
N LYS A 103 -25.36 -2.66 22.90
CA LYS A 103 -24.74 -2.16 24.15
C LYS A 103 -23.29 -1.77 23.98
N LEU A 104 -22.49 -2.62 23.33
CA LEU A 104 -21.07 -2.29 23.12
C LEU A 104 -20.94 -1.11 22.14
N HIS A 105 -21.79 -1.09 21.12
CA HIS A 105 -21.79 -0.02 20.13
C HIS A 105 -22.09 1.34 20.78
N GLU A 106 -23.10 1.36 21.66
CA GLU A 106 -23.44 2.59 22.36
C GLU A 106 -22.33 3.06 23.32
N GLU A 107 -21.77 2.12 24.09
CA GLU A 107 -20.65 2.45 25.00
C GLU A 107 -19.47 3.09 24.29
N ILE A 108 -19.04 2.47 23.20
CA ILE A 108 -17.93 2.99 22.42
C ILE A 108 -18.28 4.36 21.81
N GLN A 109 -19.48 4.48 21.24
CA GLN A 109 -19.92 5.73 20.66
C GLN A 109 -19.87 6.88 21.67
N ASN A 110 -20.42 6.62 22.86
CA ASN A 110 -20.41 7.60 23.95
C ASN A 110 -19.01 8.02 24.35
N LEU A 111 -18.11 7.05 24.47
CA LEU A 111 -16.73 7.34 24.85
C LEU A 111 -16.01 8.14 23.77
N ILE A 112 -16.26 7.83 22.50
CA ILE A 112 -15.64 8.60 21.43
C ILE A 112 -16.13 10.05 21.44
N LYS A 113 -17.43 10.24 21.66
CA LYS A 113 -18.01 11.60 21.70
C LYS A 113 -17.41 12.41 22.82
N ILE A 114 -17.31 11.79 24.00
CA ILE A 114 -16.74 12.45 25.17
C ILE A 114 -15.30 12.87 24.89
N GLN A 115 -14.51 11.96 24.33
CA GLN A 115 -13.11 12.26 24.07
C GLN A 115 -12.91 13.22 22.89
N ALA A 116 -13.84 13.23 21.93
CA ALA A 116 -13.81 14.21 20.82
C ALA A 116 -13.85 15.63 21.39
N ILE A 117 -14.66 15.81 22.44
CA ILE A 117 -14.71 17.06 23.18
C ILE A 117 -13.46 17.23 24.07
N ALA A 118 -13.12 16.19 24.84
CA ALA A 118 -11.99 16.25 25.78
C ALA A 118 -10.69 16.70 25.15
N VAL A 119 -10.31 16.13 24.01
CA VAL A 119 -9.02 16.48 23.39
C VAL A 119 -8.95 17.97 23.02
N CYS A 120 -10.09 18.55 22.63
CA CYS A 120 -10.16 19.99 22.37
C CYS A 120 -10.01 20.81 23.66
N MET A 121 -10.80 20.45 24.68
CA MET A 121 -10.80 21.18 25.95
CA MET A 121 -10.79 21.17 25.95
C MET A 121 -9.41 21.16 26.59
N GLU A 122 -8.77 19.99 26.58
CA GLU A 122 -7.47 19.81 27.25
C GLU A 122 -6.33 20.55 26.56
N ASN A 123 -6.52 20.85 25.28
CA ASN A 123 -5.61 21.70 24.54
C ASN A 123 -5.90 23.18 24.70
N GLY A 124 -6.97 23.51 25.42
CA GLY A 124 -7.43 24.89 25.51
C GLY A 124 -8.17 25.37 24.26
N ASN A 125 -8.61 24.43 23.41
CA ASN A 125 -9.38 24.78 22.22
C ASN A 125 -10.88 24.85 22.54
N PHE A 126 -11.28 25.83 23.34
CA PHE A 126 -12.66 25.91 23.85
C PHE A 126 -13.66 26.15 22.74
N LYS A 127 -13.31 27.03 21.80
CA LYS A 127 -14.19 27.34 20.68
C LYS A 127 -14.33 26.12 19.77
N GLU A 128 -13.22 25.42 19.49
CA GLU A 128 -13.28 24.18 18.72
C GLU A 128 -14.13 23.09 19.40
N ALA A 129 -14.01 22.97 20.72
CA ALA A 129 -14.86 22.05 21.46
C ALA A 129 -16.35 22.33 21.23
N GLU A 130 -16.76 23.61 21.26
CA GLU A 130 -18.15 23.96 20.96
C GLU A 130 -18.55 23.57 19.54
N GLU A 131 -17.65 23.80 18.59
CA GLU A 131 -17.88 23.44 17.19
C GLU A 131 -18.00 21.92 17.00
N VAL A 132 -17.11 21.17 17.64
CA VAL A 132 -17.22 19.72 17.62
C VAL A 132 -18.56 19.28 18.26
N PHE A 133 -18.91 19.89 19.39
CA PHE A 133 -20.17 19.61 20.08
C PHE A 133 -21.37 19.78 19.15
N GLU A 134 -21.45 20.91 18.46
CA GLU A 134 -22.55 21.19 17.52
C GLU A 134 -22.63 20.12 16.42
N ARG A 135 -21.47 19.67 15.95
CA ARG A 135 -21.45 18.67 14.88
C ARG A 135 -21.86 17.28 15.32
N ILE A 136 -21.46 16.86 16.52
CA ILE A 136 -21.70 15.47 16.93
C ILE A 136 -22.98 15.27 17.74
N PHE A 137 -23.59 16.35 18.23
CA PHE A 137 -24.79 16.21 19.06
C PHE A 137 -26.08 16.74 18.43
N GLY A 138 -25.99 17.04 17.14
CA GLY A 138 -27.17 17.39 16.35
C GLY A 138 -27.87 18.65 16.78
N ASP A 139 -29.19 18.64 16.70
CA ASP A 139 -30.01 19.79 17.08
C ASP A 139 -29.74 20.18 18.53
N PRO A 140 -29.52 21.48 18.81
CA PRO A 140 -29.28 21.89 20.20
C PRO A 140 -30.31 21.35 21.18
N ASN A 141 -31.57 21.23 20.75
CA ASN A 141 -32.63 20.74 21.64
C ASN A 141 -32.75 19.24 21.79
N SER A 142 -32.05 18.47 20.96
CA SER A 142 -32.20 17.01 21.05
C SER A 142 -31.35 16.46 22.21
N HIS A 143 -31.86 15.41 22.85
CA HIS A 143 -31.18 14.81 24.00
C HIS A 143 -30.40 13.59 23.56
N MET A 144 -29.19 13.48 24.05
CA MET A 144 -28.32 12.34 23.76
C MET A 144 -27.52 12.08 25.02
N PRO A 145 -27.04 10.83 25.22
CA PRO A 145 -26.28 10.52 26.41
C PRO A 145 -25.04 11.41 26.60
N PHE A 146 -24.90 11.93 27.82
CA PHE A 146 -23.76 12.78 28.21
C PHE A 146 -23.75 14.17 27.60
N LYS A 147 -24.69 14.46 26.72
CA LYS A 147 -24.70 15.74 25.98
C LYS A 147 -24.76 16.94 26.93
N SER A 148 -25.72 16.93 27.84
CA SER A 148 -25.93 18.07 28.75
C SER A 148 -24.74 18.23 29.74
N LYS A 149 -24.18 17.11 30.17
CA LYS A 149 -22.92 17.12 30.94
C LYS A 149 -21.78 17.79 30.18
N LEU A 150 -21.60 17.39 28.92
CA LEU A 150 -20.55 17.97 28.10
C LEU A 150 -20.78 19.47 27.79
N LEU A 151 -22.03 19.89 27.60
CA LEU A 151 -22.27 21.31 27.33
C LEU A 151 -21.81 22.16 28.53
N MET A 152 -22.13 21.68 29.72
CA MET A 152 -21.75 22.34 30.97
C MET A 152 -20.24 22.49 31.08
N ILE A 153 -19.53 21.40 30.82
CA ILE A 153 -18.06 21.39 30.88
C ILE A 153 -17.45 22.37 29.87
N ILE A 154 -17.93 22.31 28.62
CA ILE A 154 -17.46 23.23 27.57
C ILE A 154 -17.64 24.68 28.02
N SER A 155 -18.82 25.00 28.54
CA SER A 155 -19.16 26.36 28.94
C SER A 155 -18.28 26.90 30.08
N GLN A 156 -17.60 26.00 30.79
CA GLN A 156 -16.78 26.42 31.92
C GLN A 156 -15.35 26.78 31.51
N LYS A 157 -14.98 26.43 30.28
CA LYS A 157 -13.73 26.86 29.67
C LYS A 157 -12.51 26.55 30.52
N ASP A 158 -12.42 25.32 31.01
CA ASP A 158 -11.24 24.89 31.74
C ASP A 158 -10.59 23.74 31.00
N THR A 159 -9.26 23.68 31.05
CA THR A 159 -8.54 22.59 30.37
C THR A 159 -8.65 21.26 31.11
N PHE A 160 -9.07 21.29 32.37
CA PHE A 160 -9.18 20.06 33.15
C PHE A 160 -10.58 19.93 33.74
N HIS A 161 -11.13 18.72 33.64
CA HIS A 161 -12.35 18.37 34.37
C HIS A 161 -12.25 16.91 34.82
N SER A 162 -12.75 16.63 36.01
CA SER A 162 -12.64 15.29 36.58
C SER A 162 -13.46 14.27 35.80
N PHE A 163 -14.58 14.72 35.23
CA PHE A 163 -15.41 13.86 34.37
C PHE A 163 -14.57 13.20 33.28
N PHE A 164 -13.62 13.96 32.72
CA PHE A 164 -12.72 13.43 31.69
C PHE A 164 -11.70 12.42 32.23
N GLN A 165 -11.52 12.35 33.54
CA GLN A 165 -10.65 11.32 34.13
C GLN A 165 -11.38 9.99 34.22
N HIS A 166 -12.68 10.04 34.48
CA HIS A 166 -13.52 8.85 34.56
C HIS A 166 -13.89 8.29 33.19
N PHE A 167 -13.92 9.15 32.17
CA PHE A 167 -14.22 8.74 30.80
C PHE A 167 -13.06 9.20 29.93
N SER A 168 -11.90 8.62 30.18
CA SER A 168 -10.65 9.13 29.67
C SER A 168 -10.29 8.53 28.33
N TYR A 169 -9.24 9.06 27.74
CA TYR A 169 -8.73 8.51 26.50
C TYR A 169 -8.40 7.02 26.68
N ASN A 170 -7.76 6.70 27.80
CA ASN A 170 -7.47 5.30 28.13
C ASN A 170 -8.71 4.44 28.31
N HIS A 171 -9.77 4.97 28.94
CA HIS A 171 -11.05 4.25 29.05
C HIS A 171 -11.61 3.95 27.65
N MET A 172 -11.56 4.96 26.78
CA MET A 172 -12.04 4.80 25.41
C MET A 172 -11.22 3.73 24.69
N MET A 173 -9.89 3.82 24.79
CA MET A 173 -9.00 2.84 24.15
C MET A 173 -9.30 1.41 24.60
N GLU A 174 -9.53 1.22 25.90
CA GLU A 174 -9.79 -0.11 26.46
C GLU A 174 -11.11 -0.71 26.00
N LYS A 175 -12.19 0.09 25.97
CA LYS A 175 -13.46 -0.43 25.41
C LYS A 175 -13.33 -0.77 23.93
N ILE A 176 -12.59 0.06 23.19
CA ILE A 176 -12.35 -0.21 21.76
C ILE A 176 -11.52 -1.50 21.57
N LYS A 177 -10.47 -1.65 22.37
CA LYS A 177 -9.67 -2.89 22.38
C LYS A 177 -10.47 -4.15 22.67
N SER A 178 -11.59 -4.02 23.40
CA SER A 178 -12.51 -5.13 23.61
C SER A 178 -13.21 -5.50 22.33
N TYR A 179 -13.74 -4.49 21.63
CA TYR A 179 -14.28 -4.74 20.31
C TYR A 179 -13.25 -5.36 19.37
N VAL A 180 -12.00 -4.90 19.45
CA VAL A 180 -10.93 -5.41 18.59
C VAL A 180 -10.66 -6.90 18.89
N ASN A 181 -10.67 -7.27 20.17
CA ASN A 181 -10.57 -8.67 20.58
C ASN A 181 -11.66 -9.52 19.97
N TYR A 182 -12.85 -8.94 19.83
CA TYR A 182 -13.95 -9.60 19.14
C TYR A 182 -13.68 -9.83 17.64
N VAL A 183 -13.18 -8.81 16.95
CA VAL A 183 -12.80 -8.96 15.54
C VAL A 183 -11.71 -10.02 15.38
N LEU A 184 -10.70 -9.94 16.26
CA LEU A 184 -9.60 -10.91 16.34
C LEU A 184 -10.10 -12.34 16.46
N SER A 185 -11.07 -12.55 17.35
CA SER A 185 -11.58 -13.89 17.58
C SER A 185 -12.37 -14.36 16.37
N GLU A 186 -13.11 -13.44 15.75
CA GLU A 186 -13.85 -13.73 14.53
C GLU A 186 -12.92 -14.03 13.34
N LYS A 187 -11.77 -13.34 13.26
CA LYS A 187 -10.89 -13.44 12.09
C LYS A 187 -9.60 -14.26 12.27
N SER A 188 -9.36 -14.76 13.48
CA SER A 188 -8.10 -15.47 13.75
C SER A 188 -7.94 -16.77 12.95
N SER A 189 -9.04 -17.29 12.42
CA SER A 189 -9.01 -18.49 11.60
C SER A 189 -9.20 -18.25 10.08
N THR A 190 -9.00 -17.02 9.61
CA THR A 190 -9.07 -16.76 8.17
C THR A 190 -7.92 -17.47 7.46
N PHE A 191 -8.20 -17.93 6.24
CA PHE A 191 -7.32 -18.85 5.52
C PHE A 191 -5.82 -18.58 5.67
N LEU A 192 -5.40 -17.32 5.47
CA LEU A 192 -3.98 -17.01 5.40
C LEU A 192 -3.24 -17.18 6.72
N MET A 193 -3.84 -16.70 7.80
CA MET A 193 -3.24 -16.84 9.13
C MET A 193 -3.27 -18.30 9.61
N LYS A 194 -4.38 -18.98 9.38
CA LYS A 194 -4.53 -20.41 9.68
C LYS A 194 -3.42 -21.20 8.99
N ALA A 195 -3.28 -21.01 7.69
CA ALA A 195 -2.23 -21.66 6.90
C ALA A 195 -0.83 -21.32 7.41
N ALA A 196 -0.58 -20.03 7.66
CA ALA A 196 0.74 -19.59 8.11
C ALA A 196 1.11 -20.09 9.52
N ALA A 197 0.10 -20.17 10.40
CA ALA A 197 0.30 -20.73 11.74
C ALA A 197 0.74 -22.19 11.69
N LYS A 198 0.06 -22.99 10.85
CA LYS A 198 0.40 -24.40 10.65
C LYS A 198 1.84 -24.61 10.20
N VAL A 199 2.32 -23.73 9.31
CA VAL A 199 3.71 -23.77 8.85
C VAL A 199 4.69 -23.49 10.00
N VAL A 200 4.40 -22.48 10.82
CA VAL A 200 5.29 -22.07 11.91
C VAL A 200 5.53 -23.18 12.95
N GLU A 201 4.45 -23.72 13.51
CA GLU A 201 4.59 -24.81 14.50
C GLU A 201 4.91 -26.16 13.83
N SER A 202 5.85 -26.11 12.89
CA SER A 202 6.23 -27.26 12.08
C SER A 202 7.63 -27.07 11.54
N GLY B 1 6.23 -13.65 19.39
CA GLY B 1 7.05 -14.75 18.82
C GLY B 1 6.42 -15.48 17.64
N LEU B 2 5.47 -16.35 17.94
CA LEU B 2 4.89 -17.24 16.93
C LEU B 2 3.93 -16.53 15.96
N VAL B 3 3.23 -15.51 16.45
CA VAL B 3 2.31 -14.73 15.61
C VAL B 3 3.10 -13.94 14.58
N ALA B 4 4.13 -13.23 15.04
CA ALA B 4 5.02 -12.49 14.16
C ALA B 4 5.71 -13.39 13.14
N GLU B 5 5.95 -14.65 13.52
CA GLU B 5 6.52 -15.63 12.59
C GLU B 5 5.52 -16.04 11.51
N ALA B 6 4.27 -16.23 11.89
CA ALA B 6 3.20 -16.52 10.92
C ALA B 6 3.01 -15.33 9.97
N GLU B 7 3.05 -14.12 10.52
CA GLU B 7 2.95 -12.91 9.70
C GLU B 7 4.05 -12.81 8.64
N ALA B 8 5.30 -13.12 9.02
CA ALA B 8 6.41 -13.15 8.04
C ALA B 8 6.19 -14.21 6.97
N VAL B 9 5.71 -15.38 7.37
CA VAL B 9 5.40 -16.46 6.41
C VAL B 9 4.31 -16.00 5.43
N ALA B 10 3.25 -15.39 5.94
CA ALA B 10 2.16 -14.91 5.10
C ALA B 10 2.63 -13.81 4.14
N ALA B 11 3.48 -12.91 4.66
CA ALA B 11 4.04 -11.82 3.85
C ALA B 11 4.86 -12.33 2.67
N GLY B 12 5.58 -13.43 2.86
CA GLY B 12 6.31 -14.09 1.77
C GLY B 12 5.37 -14.62 0.69
N TRP B 13 4.25 -15.21 1.10
CA TRP B 13 3.23 -15.69 0.18
C TRP B 13 2.56 -14.56 -0.60
N MET B 14 2.33 -13.43 0.06
CA MET B 14 1.73 -12.27 -0.59
C MET B 14 2.69 -11.68 -1.63
N LEU B 15 3.97 -11.55 -1.28
CA LEU B 15 5.00 -11.10 -2.22
C LEU B 15 5.00 -11.93 -3.53
N ASP B 16 5.02 -13.25 -3.39
CA ASP B 16 4.98 -14.14 -4.55
C ASP B 16 3.73 -13.91 -5.37
N PHE B 17 2.58 -13.86 -4.70
CA PHE B 17 1.34 -13.63 -5.39
C PHE B 17 1.33 -12.29 -6.13
N LEU B 18 1.83 -11.25 -5.48
CA LEU B 18 1.79 -9.90 -6.05
C LEU B 18 2.75 -9.77 -7.24
N CYS B 19 3.88 -10.47 -7.19
CA CYS B 19 4.81 -10.57 -8.32
C CYS B 19 4.10 -11.18 -9.52
N LEU B 20 3.43 -12.31 -9.29
CA LEU B 20 2.68 -13.01 -10.32
C LEU B 20 1.69 -12.07 -10.95
N SER B 21 0.97 -11.34 -10.10
CA SER B 21 -0.04 -10.40 -10.55
C SER B 21 0.59 -9.22 -11.31
N LEU B 22 1.75 -8.77 -10.85
CA LEU B 22 2.47 -7.68 -11.53
C LEU B 22 2.90 -8.13 -12.93
N CYS B 23 3.45 -9.34 -13.01
CA CYS B 23 3.87 -9.93 -14.28
C CYS B 23 2.74 -9.99 -15.29
N ARG B 24 1.58 -10.51 -14.86
CA ARG B 24 0.41 -10.59 -15.73
C ARG B 24 -0.05 -9.24 -16.23
N ALA B 25 -0.11 -8.24 -15.34
CA ALA B 25 -0.54 -6.90 -15.72
C ALA B 25 0.44 -6.30 -16.73
N PHE B 26 1.73 -6.50 -16.49
CA PHE B 26 2.78 -6.07 -17.42
C PHE B 26 2.58 -6.72 -18.80
N ARG B 27 2.43 -8.04 -18.82
CA ARG B 27 2.22 -8.81 -20.05
C ARG B 27 0.99 -8.37 -20.84
N ASP B 28 -0.10 -8.09 -20.13
CA ASP B 28 -1.39 -7.78 -20.76
C ASP B 28 -1.52 -6.32 -21.15
N GLY B 29 -0.57 -5.49 -20.74
CA GLY B 29 -0.64 -4.05 -20.97
C GLY B 29 -1.64 -3.34 -20.07
N ARG B 30 -2.09 -4.02 -19.01
CA ARG B 30 -3.05 -3.43 -18.09
C ARG B 30 -2.33 -2.46 -17.16
N SER B 31 -2.21 -1.23 -17.62
CA SER B 31 -1.37 -0.22 -17.00
C SER B 31 -1.80 0.16 -15.58
N GLU B 32 -3.11 0.31 -15.38
CA GLU B 32 -3.63 0.72 -14.08
C GLU B 32 -3.51 -0.38 -13.03
N ASP B 33 -3.83 -1.60 -13.43
CA ASP B 33 -3.61 -2.77 -12.59
C ASP B 33 -2.14 -2.89 -12.17
N PHE B 34 -1.23 -2.63 -13.12
CA PHE B 34 0.21 -2.66 -12.83
C PHE B 34 0.57 -1.67 -11.73
N ARG B 35 0.11 -0.43 -11.89
CA ARG B 35 0.32 0.63 -10.90
C ARG B 35 -0.14 0.21 -9.49
N ARG B 36 -1.38 -0.25 -9.39
CA ARG B 36 -1.96 -0.63 -8.10
C ARG B 36 -1.25 -1.84 -7.50
N THR B 37 -0.97 -2.84 -8.33
CA THR B 37 -0.20 -4.00 -7.88
C THR B 37 1.22 -3.64 -7.44
N ARG B 38 1.86 -2.74 -8.18
CA ARG B 38 3.19 -2.23 -7.78
C ARG B 38 3.12 -1.62 -6.39
N ASN B 39 2.15 -0.73 -6.19
CA ASN B 39 1.91 -0.10 -4.89
C ASN B 39 1.72 -1.11 -3.75
N SER B 40 0.97 -2.18 -4.02
CA SER B 40 0.77 -3.23 -3.03
C SER B 40 2.03 -4.01 -2.73
N ALA B 41 2.74 -4.43 -3.77
CA ALA B 41 4.00 -5.17 -3.60
C ALA B 41 5.00 -4.35 -2.80
N GLU B 42 5.12 -3.07 -3.15
CA GLU B 42 6.02 -2.16 -2.44
C GLU B 42 5.72 -2.12 -0.95
N ALA B 43 4.45 -1.95 -0.59
CA ALA B 43 4.05 -1.92 0.82
C ALA B 43 4.34 -3.26 1.52
N ILE B 44 4.01 -4.38 0.87
CA ILE B 44 4.30 -5.71 1.41
C ILE B 44 5.81 -5.93 1.59
N ILE B 45 6.61 -5.46 0.63
CA ILE B 45 8.07 -5.48 0.75
C ILE B 45 8.54 -4.58 1.92
N HIS B 46 8.23 -3.29 1.84
CA HIS B 46 8.50 -2.31 2.92
C HIS B 46 8.15 -2.87 4.31
N GLY B 47 7.23 -3.82 4.35
CA GLY B 47 6.78 -4.43 5.61
C GLY B 47 7.62 -5.56 6.17
N LEU B 48 8.39 -6.23 5.30
CA LEU B 48 9.28 -7.32 5.73
C LEU B 48 10.53 -6.79 6.44
N SER B 49 11.08 -7.58 7.36
CA SER B 49 12.34 -7.20 8.03
C SER B 49 13.55 -7.98 7.52
N SER B 50 13.37 -9.28 7.29
CA SER B 50 14.42 -10.13 6.70
C SER B 50 13.99 -10.72 5.36
N LEU B 51 14.97 -11.18 4.58
CA LEU B 51 14.72 -11.72 3.24
C LEU B 51 15.56 -12.96 2.96
N THR B 52 14.96 -13.97 2.32
CA THR B 52 15.73 -15.06 1.75
C THR B 52 16.25 -14.62 0.39
N ALA B 53 17.25 -15.32 -0.13
CA ALA B 53 17.79 -15.04 -1.47
C ALA B 53 16.70 -15.18 -2.51
N CYS B 54 15.84 -16.18 -2.33
CA CYS B 54 14.73 -16.47 -3.22
C CYS B 54 13.73 -15.31 -3.25
N GLN B 55 13.57 -14.64 -2.11
CA GLN B 55 12.68 -13.48 -2.01
C GLN B 55 13.30 -12.24 -2.65
N LEU B 56 14.63 -12.13 -2.56
CA LEU B 56 15.35 -11.01 -3.17
C LEU B 56 15.22 -11.06 -4.69
N ARG B 57 15.32 -12.27 -5.25
CA ARG B 57 15.10 -12.48 -6.69
C ARG B 57 13.71 -11.99 -7.10
N THR B 58 12.67 -12.40 -6.38
CA THR B 58 11.31 -11.95 -6.64
C THR B 58 11.22 -10.43 -6.67
N ILE B 59 11.85 -9.78 -5.68
CA ILE B 59 11.89 -8.32 -5.59
C ILE B 59 12.60 -7.71 -6.80
N TYR B 60 13.72 -8.30 -7.20
CA TYR B 60 14.44 -7.84 -8.40
C TYR B 60 13.55 -7.85 -9.64
N ILE B 61 12.81 -8.94 -9.82
CA ILE B 61 11.89 -9.07 -10.95
C ILE B 61 10.88 -7.93 -10.93
N CYS B 62 10.31 -7.67 -9.75
CA CYS B 62 9.39 -6.56 -9.56
C CYS B 62 10.06 -5.22 -9.91
N GLN B 63 11.25 -4.99 -9.37
CA GLN B 63 11.99 -3.76 -9.65
C GLN B 63 12.28 -3.59 -11.16
N PHE B 64 12.71 -4.68 -11.79
CA PHE B 64 12.98 -4.71 -13.23
C PHE B 64 11.77 -4.23 -14.02
N LEU B 65 10.63 -4.86 -13.79
CA LEU B 65 9.42 -4.53 -14.52
C LEU B 65 8.96 -3.09 -14.31
N THR B 66 9.10 -2.58 -13.09
CA THR B 66 8.66 -1.21 -12.80
C THR B 66 9.54 -0.21 -13.54
N ARG B 67 10.84 -0.48 -13.58
CA ARG B 67 11.79 0.37 -14.31
C ARG B 67 11.52 0.36 -15.81
N ILE B 68 11.35 -0.83 -16.37
CA ILE B 68 10.95 -0.98 -17.77
C ILE B 68 9.63 -0.25 -18.06
N ALA B 69 8.65 -0.41 -17.18
CA ALA B 69 7.34 0.24 -17.34
C ALA B 69 7.48 1.76 -17.37
N ALA B 70 8.45 2.29 -16.62
CA ALA B 70 8.72 3.73 -16.59
C ALA B 70 9.74 4.17 -17.64
N GLY B 71 10.01 3.31 -18.62
CA GLY B 71 11.02 3.58 -19.65
C GLY B 71 10.93 4.91 -20.38
N LYS B 72 9.71 5.31 -20.76
CA LYS B 72 9.48 6.56 -21.50
C LYS B 72 9.12 7.73 -20.58
N THR B 73 8.96 7.47 -19.29
CA THR B 73 8.55 8.49 -18.33
C THR B 73 9.72 9.44 -18.03
N LEU B 74 9.53 10.69 -18.44
CA LEU B 74 10.59 11.71 -18.46
C LEU B 74 11.07 12.14 -17.07
N ASP B 75 10.14 12.23 -16.12
CA ASP B 75 10.44 12.73 -14.78
C ASP B 75 10.78 11.64 -13.76
N ALA B 76 10.72 10.38 -14.20
CA ALA B 76 10.92 9.23 -13.31
C ALA B 76 12.38 9.03 -12.92
N GLN B 77 12.63 8.99 -11.62
CA GLN B 77 13.96 8.81 -11.04
C GLN B 77 13.98 7.55 -10.17
N PHE B 78 14.92 6.65 -10.43
CA PHE B 78 15.01 5.39 -9.68
C PHE B 78 16.27 5.25 -8.85
N GLU B 79 17.22 6.14 -9.07
CA GLU B 79 18.49 6.07 -8.35
C GLU B 79 18.78 7.35 -7.58
N ASN B 80 19.77 7.30 -6.69
CA ASN B 80 20.30 8.49 -6.03
C ASN B 80 20.75 9.47 -7.09
N ASP B 81 21.65 9.01 -7.96
CA ASP B 81 22.10 9.76 -9.12
C ASP B 81 20.90 10.14 -9.99
N GLU B 82 20.51 11.42 -9.93
CA GLU B 82 19.32 11.93 -10.62
C GLU B 82 19.35 11.75 -12.15
N ARG B 83 20.54 11.63 -12.72
CA ARG B 83 20.68 11.53 -14.17
C ARG B 83 20.58 10.10 -14.73
N ILE B 84 20.79 9.10 -13.88
CA ILE B 84 20.62 7.69 -14.28
C ILE B 84 19.18 7.44 -14.76
N THR B 85 19.02 6.94 -15.97
CA THR B 85 17.70 6.72 -16.55
C THR B 85 17.05 5.44 -16.03
N PRO B 86 15.71 5.34 -16.15
CA PRO B 86 14.99 4.11 -15.76
C PRO B 86 15.53 2.85 -16.46
N LEU B 87 15.80 2.93 -17.76
CA LEU B 87 16.27 1.76 -18.50
C LEU B 87 17.67 1.31 -18.05
N GLU B 88 18.52 2.26 -17.65
CA GLU B 88 19.79 1.94 -16.99
C GLU B 88 19.59 1.20 -15.66
N SER B 89 18.67 1.72 -14.83
CA SER B 89 18.32 1.06 -13.58
C SER B 89 17.80 -0.35 -13.87
N ALA B 90 16.90 -0.46 -14.85
CA ALA B 90 16.43 -1.77 -15.29
C ALA B 90 17.60 -2.67 -15.66
N LEU B 91 18.55 -2.14 -16.41
CA LEU B 91 19.74 -2.87 -16.79
C LEU B 91 20.56 -3.28 -15.57
N MET B 92 20.76 -2.34 -14.65
CA MET B 92 21.41 -2.64 -13.36
C MET B 92 20.76 -3.81 -12.64
N ILE B 93 19.43 -3.77 -12.47
CA ILE B 93 18.72 -4.87 -11.83
C ILE B 93 18.82 -6.15 -12.67
N TRP B 94 18.71 -6.01 -13.99
CA TRP B 94 18.77 -7.16 -14.91
C TRP B 94 20.06 -7.98 -14.74
N GLY B 95 21.17 -7.29 -14.48
CA GLY B 95 22.45 -7.95 -14.21
C GLY B 95 22.49 -8.60 -12.84
N SER B 96 21.72 -8.05 -11.89
CA SER B 96 21.70 -8.53 -10.50
C SER B 96 20.86 -9.79 -10.30
N ILE B 97 19.94 -10.07 -11.22
CA ILE B 97 19.04 -11.22 -11.10
C ILE B 97 19.78 -12.54 -11.32
N GLU B 98 19.72 -13.41 -10.31
CA GLU B 98 20.28 -14.76 -10.40
C GLU B 98 19.45 -15.61 -11.37
N LYS B 99 19.98 -15.80 -12.57
CA LYS B 99 19.28 -16.51 -13.65
C LYS B 99 20.24 -17.00 -14.73
N GLU B 100 19.68 -17.56 -15.79
CA GLU B 100 20.43 -18.02 -16.96
C GLU B 100 20.95 -16.84 -17.79
N HIS B 101 22.25 -16.82 -18.05
CA HIS B 101 22.83 -15.87 -19.00
C HIS B 101 22.84 -16.48 -20.40
N ASP B 102 21.65 -16.57 -20.99
CA ASP B 102 21.46 -17.27 -22.25
C ASP B 102 21.04 -16.35 -23.39
N LYS B 103 20.64 -16.98 -24.50
CA LYS B 103 20.10 -16.32 -25.69
C LYS B 103 19.21 -15.11 -25.35
N LEU B 104 18.07 -15.40 -24.70
CA LEU B 104 17.07 -14.36 -24.42
C LEU B 104 17.60 -13.27 -23.49
N HIS B 105 18.45 -13.64 -22.53
CA HIS B 105 19.04 -12.68 -21.59
C HIS B 105 19.82 -11.59 -22.33
N GLU B 106 20.68 -12.01 -23.25
CA GLU B 106 21.50 -11.08 -24.03
C GLU B 106 20.65 -10.23 -24.97
N GLU B 107 19.69 -10.84 -25.67
CA GLU B 107 18.76 -10.10 -26.54
C GLU B 107 18.06 -8.98 -25.76
N ILE B 108 17.57 -9.34 -24.58
CA ILE B 108 16.88 -8.38 -23.73
C ILE B 108 17.88 -7.32 -23.26
N GLN B 109 19.03 -7.77 -22.77
CA GLN B 109 20.04 -6.87 -22.25
C GLN B 109 20.46 -5.85 -23.31
N ASN B 110 20.65 -6.32 -24.53
CA ASN B 110 21.07 -5.45 -25.64
C ASN B 110 19.96 -4.55 -26.14
N LEU B 111 18.72 -5.03 -26.15
CA LEU B 111 17.59 -4.16 -26.51
C LEU B 111 17.38 -3.04 -25.50
N ILE B 112 17.56 -3.34 -24.22
CA ILE B 112 17.48 -2.33 -23.17
C ILE B 112 18.56 -1.26 -23.34
N LYS B 113 19.80 -1.70 -23.56
CA LYS B 113 20.91 -0.79 -23.84
C LYS B 113 20.59 0.12 -25.02
N ILE B 114 20.08 -0.45 -26.11
CA ILE B 114 19.75 0.31 -27.32
C ILE B 114 18.67 1.36 -27.02
N GLN B 115 17.58 0.92 -26.39
CA GLN B 115 16.47 1.81 -26.06
C GLN B 115 16.80 2.85 -24.99
N ALA B 116 17.72 2.53 -24.06
CA ALA B 116 18.20 3.52 -23.09
C ALA B 116 18.77 4.74 -23.79
N ILE B 117 19.37 4.52 -24.96
CA ILE B 117 19.92 5.60 -25.77
C ILE B 117 18.83 6.20 -26.67
N ALA B 118 18.00 5.34 -27.23
CA ALA B 118 16.96 5.73 -28.20
C ALA B 118 15.91 6.69 -27.65
N VAL B 119 15.53 6.52 -26.39
CA VAL B 119 14.50 7.37 -25.77
C VAL B 119 14.96 8.83 -25.78
N CYS B 120 16.22 9.04 -25.40
CA CYS B 120 16.85 10.38 -25.42
C CYS B 120 16.85 11.02 -26.80
N MET B 121 17.09 10.21 -27.83
CA MET B 121 17.21 10.74 -29.20
C MET B 121 15.87 11.07 -29.85
N GLU B 122 14.80 10.49 -29.31
CA GLU B 122 13.45 10.92 -29.68
C GLU B 122 13.02 12.09 -28.80
N ASN B 123 13.81 12.38 -27.77
CA ASN B 123 13.56 13.49 -26.86
C ASN B 123 14.48 14.69 -27.12
N GLY B 124 15.35 14.53 -28.12
CA GLY B 124 16.31 15.58 -28.47
C GLY B 124 17.55 15.61 -27.59
N ASN B 125 17.58 14.81 -26.53
CA ASN B 125 18.70 14.81 -25.58
C ASN B 125 19.91 14.02 -26.10
N PHE B 126 20.47 14.49 -27.23
CA PHE B 126 21.67 13.89 -27.81
C PHE B 126 22.83 14.02 -26.83
N LYS B 127 22.83 15.13 -26.09
CA LYS B 127 23.75 15.35 -24.98
C LYS B 127 23.80 14.12 -24.07
N GLU B 128 22.65 13.81 -23.46
CA GLU B 128 22.55 12.77 -22.43
C GLU B 128 22.72 11.38 -23.02
N ALA B 129 22.23 11.20 -24.25
CA ALA B 129 22.39 9.93 -24.96
C ALA B 129 23.82 9.41 -24.90
N GLU B 130 24.80 10.30 -25.07
CA GLU B 130 26.21 9.91 -25.00
C GLU B 130 26.64 9.59 -23.57
N GLU B 131 26.16 10.39 -22.62
CA GLU B 131 26.41 10.14 -21.21
C GLU B 131 25.80 8.80 -20.79
N VAL B 132 24.57 8.55 -21.25
CA VAL B 132 23.94 7.23 -21.11
C VAL B 132 24.90 6.16 -21.65
N PHE B 133 25.33 6.32 -22.91
CA PHE B 133 26.29 5.40 -23.54
C PHE B 133 27.56 5.22 -22.73
N GLU B 134 28.13 6.36 -22.29
CA GLU B 134 29.30 6.38 -21.41
C GLU B 134 29.06 5.50 -20.19
N ARG B 135 27.97 5.78 -19.48
CA ARG B 135 27.62 5.04 -18.26
C ARG B 135 27.38 3.55 -18.57
N ILE B 136 26.75 3.26 -19.69
CA ILE B 136 26.39 1.89 -20.07
C ILE B 136 27.60 0.98 -20.38
N PHE B 137 28.56 1.49 -21.14
CA PHE B 137 29.70 0.68 -21.59
C PHE B 137 31.00 1.02 -20.86
N HIS B 143 29.79 -4.74 -23.35
CA HIS B 143 30.51 -4.79 -24.62
C HIS B 143 29.74 -5.64 -25.64
N MET B 144 28.92 -4.98 -26.48
CA MET B 144 27.93 -5.64 -27.36
C MET B 144 28.30 -5.63 -28.85
N PRO B 145 27.60 -6.44 -29.68
CA PRO B 145 27.83 -6.51 -31.14
C PRO B 145 27.74 -5.17 -31.88
N PHE B 146 26.67 -4.40 -31.64
CA PHE B 146 26.43 -3.18 -32.41
C PHE B 146 26.91 -1.90 -31.71
N LYS B 147 27.82 -2.08 -30.75
CA LYS B 147 28.35 -1.00 -29.93
C LYS B 147 28.82 0.19 -30.78
N SER B 148 29.65 -0.07 -31.80
CA SER B 148 30.25 0.99 -32.62
C SER B 148 29.21 1.78 -33.40
N LYS B 149 28.30 1.07 -34.05
CA LYS B 149 27.26 1.69 -34.85
C LYS B 149 26.37 2.58 -34.00
N LEU B 150 26.13 2.16 -32.76
CA LEU B 150 25.29 2.91 -31.86
C LEU B 150 25.95 4.23 -31.54
N LEU B 151 27.24 4.18 -31.21
CA LEU B 151 27.99 5.39 -30.84
C LEU B 151 28.00 6.41 -31.98
N MET B 152 28.13 5.95 -33.21
CA MET B 152 28.12 6.84 -34.37
C MET B 152 26.71 7.35 -34.72
N ILE B 153 25.69 6.55 -34.49
CA ILE B 153 24.30 6.99 -34.68
C ILE B 153 24.00 8.17 -33.76
N ILE B 154 24.54 8.12 -32.55
CA ILE B 154 24.45 9.22 -31.60
C ILE B 154 25.06 10.49 -32.24
N SER B 155 26.32 10.39 -32.65
CA SER B 155 27.03 11.49 -33.33
C SER B 155 26.28 12.06 -34.53
N GLN B 156 25.76 11.18 -35.37
CA GLN B 156 25.00 11.61 -36.55
C GLN B 156 23.59 12.14 -36.21
N LYS B 157 23.18 11.93 -34.95
CA LYS B 157 21.82 12.25 -34.48
C LYS B 157 20.74 11.63 -35.37
N ASP B 158 21.00 10.42 -35.85
CA ASP B 158 20.12 9.74 -36.81
C ASP B 158 19.01 8.94 -36.10
N THR B 159 18.11 9.69 -35.47
CA THR B 159 16.97 9.17 -34.71
C THR B 159 16.16 8.12 -35.48
N PHE B 160 15.92 8.35 -36.76
CA PHE B 160 15.06 7.47 -37.56
C PHE B 160 15.81 6.38 -38.32
N HIS B 161 17.04 6.05 -37.88
CA HIS B 161 17.87 5.03 -38.54
C HIS B 161 17.18 3.67 -38.59
N SER B 162 17.35 2.97 -39.71
CA SER B 162 16.91 1.59 -39.84
C SER B 162 17.16 0.77 -38.55
N PHE B 163 18.19 1.18 -37.78
CA PHE B 163 18.60 0.51 -36.54
C PHE B 163 17.57 0.63 -35.41
N PHE B 164 17.19 1.85 -35.07
CA PHE B 164 16.19 2.12 -34.03
C PHE B 164 14.79 1.67 -34.42
N GLN B 165 14.50 1.68 -35.72
CA GLN B 165 13.25 1.16 -36.24
C GLN B 165 13.15 -0.34 -36.00
N HIS B 166 14.24 -1.06 -36.26
CA HIS B 166 14.24 -2.50 -36.04
C HIS B 166 14.36 -2.84 -34.55
N PHE B 167 15.37 -2.29 -33.88
CA PHE B 167 15.52 -2.51 -32.44
C PHE B 167 14.70 -1.48 -31.67
N SER B 168 13.39 -1.56 -31.85
CA SER B 168 12.46 -0.55 -31.34
C SER B 168 12.03 -0.85 -29.91
N TYR B 169 11.29 0.09 -29.33
CA TYR B 169 10.74 -0.06 -27.99
C TYR B 169 9.80 -1.27 -27.89
N ASN B 170 8.98 -1.48 -28.92
CA ASN B 170 8.07 -2.62 -29.01
C ASN B 170 8.79 -3.94 -29.17
N HIS B 171 9.90 -3.93 -29.92
CA HIS B 171 10.75 -5.09 -30.06
C HIS B 171 11.27 -5.43 -28.67
N MET B 172 11.75 -4.41 -27.94
CA MET B 172 12.24 -4.61 -26.56
C MET B 172 11.13 -5.16 -25.66
N MET B 173 9.95 -4.55 -25.72
CA MET B 173 8.81 -4.97 -24.90
C MET B 173 8.38 -6.40 -25.18
N GLU B 174 8.36 -6.79 -26.45
CA GLU B 174 7.99 -8.15 -26.85
C GLU B 174 8.99 -9.19 -26.35
N LYS B 175 10.29 -8.88 -26.40
CA LYS B 175 11.29 -9.80 -25.84
C LYS B 175 11.17 -9.93 -24.32
N ILE B 176 10.92 -8.81 -23.65
CA ILE B 176 10.73 -8.82 -22.21
C ILE B 176 9.47 -9.64 -21.84
N LYS B 177 8.37 -9.39 -22.54
CA LYS B 177 7.13 -10.13 -22.33
C LYS B 177 7.29 -11.65 -22.46
N SER B 178 8.19 -12.06 -23.35
CA SER B 178 8.54 -13.49 -23.49
C SER B 178 9.16 -14.02 -22.20
N TYR B 179 10.10 -13.27 -21.65
CA TYR B 179 10.72 -13.63 -20.38
C TYR B 179 9.69 -13.69 -19.25
N VAL B 180 8.81 -12.70 -19.23
CA VAL B 180 7.75 -12.60 -18.23
C VAL B 180 6.88 -13.87 -18.22
N ASN B 181 6.58 -14.39 -19.41
CA ASN B 181 5.83 -15.64 -19.56
C ASN B 181 6.50 -16.83 -18.89
N TYR B 182 7.84 -16.89 -18.96
CA TYR B 182 8.58 -17.89 -18.20
C TYR B 182 8.35 -17.71 -16.70
N VAL B 183 8.53 -16.47 -16.20
CA VAL B 183 8.34 -16.17 -14.78
C VAL B 183 6.93 -16.54 -14.33
N LEU B 184 5.94 -16.21 -15.16
CA LEU B 184 4.53 -16.54 -14.92
C LEU B 184 4.32 -18.02 -14.62
N SER B 185 4.72 -18.88 -15.55
CA SER B 185 4.53 -20.32 -15.39
C SER B 185 5.48 -20.90 -14.35
N GLU B 186 6.60 -20.22 -14.11
CA GLU B 186 7.58 -20.63 -13.11
C GLU B 186 7.02 -20.55 -11.68
N LYS B 187 6.28 -19.49 -11.36
CA LYS B 187 5.71 -19.34 -10.02
C LYS B 187 4.18 -19.23 -9.97
N SER B 188 3.52 -19.72 -11.01
CA SER B 188 2.07 -19.84 -11.00
C SER B 188 1.62 -20.90 -9.99
N SER B 189 2.53 -21.78 -9.59
CA SER B 189 2.23 -22.83 -8.63
C SER B 189 2.64 -22.46 -7.20
N THR B 190 3.00 -21.20 -6.95
CA THR B 190 3.29 -20.74 -5.58
C THR B 190 2.03 -20.77 -4.72
N PHE B 191 2.22 -20.80 -3.41
CA PHE B 191 1.17 -21.17 -2.46
C PHE B 191 -0.17 -20.44 -2.64
N LEU B 192 -0.14 -19.11 -2.62
CA LEU B 192 -1.38 -18.33 -2.62
C LEU B 192 -2.18 -18.47 -3.90
N MET B 193 -1.52 -18.36 -5.04
CA MET B 193 -2.17 -18.52 -6.33
C MET B 193 -2.71 -19.95 -6.51
N LYS B 194 -1.93 -20.93 -6.09
CA LYS B 194 -2.32 -22.34 -6.18
C LYS B 194 -3.57 -22.59 -5.31
N ALA B 195 -3.53 -22.17 -4.05
CA ALA B 195 -4.72 -22.27 -3.19
C ALA B 195 -5.95 -21.57 -3.80
N ALA B 196 -5.76 -20.34 -4.30
CA ALA B 196 -6.84 -19.57 -4.90
C ALA B 196 -7.42 -20.24 -6.15
N ALA B 197 -6.54 -20.81 -6.98
CA ALA B 197 -6.95 -21.53 -8.18
C ALA B 197 -7.77 -22.77 -7.83
N LYS B 198 -7.36 -23.49 -6.78
CA LYS B 198 -8.12 -24.66 -6.33
C LYS B 198 -9.53 -24.26 -5.93
N VAL B 199 -9.66 -23.26 -5.05
CA VAL B 199 -10.96 -22.74 -4.61
C VAL B 199 -11.87 -22.47 -5.82
N VAL B 200 -11.33 -21.77 -6.81
CA VAL B 200 -12.08 -21.39 -8.00
C VAL B 200 -12.39 -22.61 -8.89
N GLU B 201 -11.45 -23.54 -8.97
CA GLU B 201 -11.64 -24.74 -9.79
C GLU B 201 -12.42 -25.81 -9.04
N LYS C 1 -11.16 9.13 -2.17
CA LYS C 1 -11.07 9.97 -0.94
C LYS C 1 -10.01 9.42 0.00
N ILE C 2 -9.89 10.05 1.16
CA ILE C 2 -9.02 9.60 2.26
C ILE C 2 -9.50 8.24 2.75
N LEU C 3 -8.59 7.27 2.76
CA LEU C 3 -8.92 5.92 3.14
C LEU C 3 -8.43 5.54 4.55
N LEU C 4 -7.15 5.18 4.67
CA LEU C 4 -6.56 4.82 5.95
C LEU C 4 -5.59 5.88 6.43
N THR C 5 -4.79 6.40 5.49
CA THR C 5 -3.76 7.38 5.80
C THR C 5 -4.34 8.79 5.68
N PRO C 6 -4.21 9.62 6.74
CA PRO C 6 -4.80 10.97 6.74
C PRO C 6 -4.01 11.94 5.89
N ARG C 7 -4.69 13.01 5.45
CA ARG C 7 -4.00 14.17 4.90
C ARG C 7 -3.32 14.88 6.05
N ARG C 8 -2.23 15.57 5.76
CA ARG C 8 -1.60 16.41 6.76
C ARG C 8 -2.02 17.85 6.53
N ARG C 9 -2.36 18.55 7.62
CA ARG C 9 -2.73 19.96 7.56
C ARG C 9 -1.52 20.85 7.23
N GLN C 10 -1.58 21.52 6.08
CA GLN C 10 -0.45 22.27 5.57
C GLN C 10 -0.48 23.77 5.89
N ARG C 11 0.71 24.36 5.88
CA ARG C 11 0.90 25.81 5.83
C ARG C 11 1.35 26.14 4.41
N LEU C 12 0.60 27.04 3.75
CA LEU C 12 0.83 27.35 2.33
C LEU C 12 0.92 28.86 2.08
N ILE D 2 14.42 4.60 -2.50
CA ILE D 2 13.67 4.15 -3.70
C ILE D 2 13.69 2.64 -3.91
N LEU D 3 12.53 2.07 -4.21
CA LEU D 3 12.44 0.67 -4.47
C LEU D 3 11.62 0.21 -5.73
N LEU D 4 10.30 0.34 -5.69
CA LEU D 4 9.48 0.01 -6.84
C LEU D 4 8.91 1.24 -7.52
N THR D 5 8.46 2.20 -6.72
CA THR D 5 7.88 3.43 -7.24
C THR D 5 8.98 4.47 -7.48
N PRO D 6 8.94 5.15 -8.65
CA PRO D 6 9.92 6.20 -8.98
C PRO D 6 9.70 7.53 -8.25
N ARG D 7 10.76 8.32 -8.14
CA ARG D 7 10.71 9.65 -7.53
C ARG D 7 10.66 10.76 -8.58
#